data_2D7R
#
_entry.id   2D7R
#
_cell.length_a   80.195
_cell.length_b   132.812
_cell.length_c   138.953
_cell.angle_alpha   90.00
_cell.angle_beta   90.00
_cell.angle_gamma   90.00
#
_symmetry.space_group_name_H-M   'C 2 2 21'
#
loop_
_entity.id
_entity.type
_entity.pdbx_description
1 polymer 'Polypeptide N-acetylgalactosaminyltransferase 10'
2 branched 2-acetamido-2-deoxy-beta-D-glucopyranose-(1-4)-2-acetamido-2-deoxy-beta-D-glucopyranose
3 non-polymer 2-acetamido-2-deoxy-beta-D-glucopyranose
4 non-polymer 2-acetamido-2-deoxy-beta-D-galactopyranose
5 non-polymer 'MANGANESE (II) ION'
6 non-polymer "URIDINE-5'-DIPHOSPHATE"
7 non-polymer SERINE
8 non-polymer 2-acetamido-2-deoxy-alpha-D-galactopyranose
9 water water
#
_entity_poly.entity_id   1
_entity_poly.type   'polypeptide(L)'
_entity_poly.pdbx_seq_one_letter_code
;HHHHHHPGGSGAAVAPAAGQGSHSRQKKTFFLGDGQKLKDWHDKEAIRRDAQRVGNGEQGRPYPMTDAERVDQAYRENGF
NIYVSDKISLNRSLPDIRHPNCNSKRYLETLPNTSIIIPFHNEGWSSLLRTVHSVLNRSPPELVAEIVLVDDFSDREHLK
KPLEDYMALFPSVRILRTKKREGLIRTRMLGASVATGDVITFLDSHCEANVNWLPPLLDRIARNRKTIVCPMIDVIDHDD
FRYETQAGDAMRGAFDWEMYYKRIPIPPELQKADPSDPFESPVMAGGLFAVDRKWFWELGGYDPGLEIWGGEQYEISFKV
WMCGGRMEDIPCSRVGHIYRKYVPYKVPAGVSLARNLKRVAEVWMDEYAEYIYQRRPEYRHLSAGDVAVQKKLRSSLNCK
SFKWFMTKIAWDLPKFYPPVEPPAAAWGEIRNVGTGLCADTKHGALGSPLRLEGCVRGRGEAAWNNMQVFTFTWREDIRP
GDPQHTKKFCFDAISHTSPVTLYDCHSMKGNQLWKYRKDKTLYHPVSGSCMDCSESDHRIFMNTCNPSSLTQQWLFEHTN
STVLEKFNRN
;
_entity_poly.pdbx_strand_id   A
#
# COMPACT_ATOMS: atom_id res chain seq x y z
N GLY A 35 -35.42 6.28 -19.06
CA GLY A 35 -35.45 5.47 -17.82
C GLY A 35 -34.16 5.57 -17.02
N GLN A 36 -34.12 6.50 -16.07
CA GLN A 36 -32.93 6.70 -15.26
C GLN A 36 -33.31 7.15 -13.84
N LYS A 37 -34.26 6.43 -13.25
CA LYS A 37 -34.75 6.72 -11.91
C LYS A 37 -33.70 6.33 -10.88
N LEU A 38 -33.40 7.23 -9.95
CA LEU A 38 -32.42 6.93 -8.92
C LEU A 38 -32.99 6.04 -7.82
N LYS A 39 -32.28 5.96 -6.69
CA LYS A 39 -32.70 5.10 -5.57
C LYS A 39 -31.73 5.16 -4.40
N ASP A 40 -32.25 5.11 -3.19
CA ASP A 40 -31.42 5.11 -1.98
C ASP A 40 -31.22 3.66 -1.60
N TRP A 41 -30.01 3.14 -1.78
CA TRP A 41 -29.73 1.74 -1.46
C TRP A 41 -29.30 1.48 -0.02
N HIS A 42 -29.39 2.48 0.84
CA HIS A 42 -29.00 2.28 2.23
C HIS A 42 -30.02 1.42 2.95
N ASP A 43 -29.63 0.22 3.36
CA ASP A 43 -30.53 -0.69 4.08
C ASP A 43 -30.47 -0.25 5.52
N LYS A 44 -31.22 0.81 5.83
CA LYS A 44 -31.26 1.40 7.16
C LYS A 44 -31.55 0.45 8.34
N GLU A 45 -32.53 -0.43 8.19
CA GLU A 45 -32.85 -1.34 9.27
C GLU A 45 -31.58 -2.07 9.68
N ALA A 46 -30.88 -2.60 8.69
CA ALA A 46 -29.64 -3.32 8.90
C ALA A 46 -28.70 -2.43 9.72
N ILE A 47 -28.39 -1.25 9.20
CA ILE A 47 -27.50 -0.34 9.89
C ILE A 47 -27.85 -0.24 11.37
N ARG A 48 -29.15 -0.18 11.65
CA ARG A 48 -29.64 -0.07 13.02
C ARG A 48 -29.27 -1.29 13.84
N ARG A 49 -29.68 -2.47 13.35
CA ARG A 49 -29.41 -3.72 14.03
C ARG A 49 -27.93 -3.99 14.18
N ASP A 50 -27.12 -3.53 13.23
CA ASP A 50 -25.68 -3.72 13.31
C ASP A 50 -25.09 -2.77 14.35
N ALA A 51 -25.72 -1.62 14.50
CA ALA A 51 -25.26 -0.63 15.45
C ALA A 51 -25.59 -1.05 16.87
N GLN A 52 -26.62 -1.88 17.01
CA GLN A 52 -27.05 -2.35 18.33
C GLN A 52 -26.49 -3.74 18.62
N ARG A 53 -25.44 -4.10 17.89
CA ARG A 53 -24.78 -5.40 18.06
C ARG A 53 -23.72 -5.28 19.15
N VAL A 54 -23.60 -6.30 19.98
CA VAL A 54 -22.63 -6.26 21.07
C VAL A 54 -21.71 -7.46 21.08
N GLY A 55 -20.49 -7.26 21.59
CA GLY A 55 -19.54 -8.36 21.65
C GLY A 55 -18.14 -8.02 21.19
N ASN A 56 -17.19 -8.91 21.49
CA ASN A 56 -15.80 -8.71 21.10
C ASN A 56 -15.61 -8.42 19.64
N GLY A 57 -14.84 -7.37 19.37
CA GLY A 57 -14.55 -6.98 18.00
C GLY A 57 -15.67 -6.17 17.39
N GLU A 58 -16.85 -6.24 18.00
CA GLU A 58 -18.00 -5.51 17.48
C GLU A 58 -17.68 -4.03 17.18
N GLN A 59 -18.44 -3.50 16.22
CA GLN A 59 -18.29 -2.12 15.81
C GLN A 59 -16.88 -1.84 15.35
N GLY A 60 -16.12 -2.89 15.07
CA GLY A 60 -14.76 -2.71 14.61
C GLY A 60 -13.70 -2.41 15.65
N ARG A 61 -14.07 -2.47 16.93
CA ARG A 61 -13.14 -2.18 18.03
C ARG A 61 -12.11 -3.29 18.19
N PRO A 62 -10.94 -2.94 18.74
CA PRO A 62 -9.90 -3.97 18.94
C PRO A 62 -10.34 -5.03 19.94
N TYR A 63 -9.93 -6.26 19.68
CA TYR A 63 -10.26 -7.39 20.54
C TYR A 63 -9.46 -7.37 21.83
N PRO A 64 -10.10 -7.73 22.96
CA PRO A 64 -9.45 -7.77 24.27
C PRO A 64 -8.31 -8.81 24.32
N MET A 65 -7.13 -8.42 23.83
CA MET A 65 -5.98 -9.31 23.81
C MET A 65 -5.64 -9.92 25.18
N THR A 66 -5.18 -11.16 25.16
CA THR A 66 -4.76 -11.84 26.38
C THR A 66 -3.58 -12.70 25.97
N ASP A 67 -2.75 -13.06 26.94
CA ASP A 67 -1.58 -13.88 26.67
C ASP A 67 -1.94 -15.08 25.80
N ALA A 68 -3.18 -15.53 25.89
CA ALA A 68 -3.60 -16.69 25.11
C ALA A 68 -3.67 -16.40 23.62
N GLU A 69 -3.81 -15.13 23.24
CA GLU A 69 -3.89 -14.80 21.83
C GLU A 69 -2.59 -14.16 21.31
N ARG A 70 -1.71 -13.80 22.24
CA ARG A 70 -0.45 -13.17 21.86
C ARG A 70 0.67 -14.13 21.45
N VAL A 71 0.39 -15.43 21.48
CA VAL A 71 1.38 -16.45 21.14
C VAL A 71 1.88 -16.32 19.71
N ASP A 72 3.05 -16.89 19.42
CA ASP A 72 3.63 -16.81 18.07
C ASP A 72 3.02 -17.85 17.13
N GLN A 73 2.24 -18.76 17.68
CA GLN A 73 1.62 -19.78 16.85
C GLN A 73 0.28 -19.29 16.28
N ALA A 74 -0.20 -18.16 16.77
CA ALA A 74 -1.45 -17.66 16.28
C ALA A 74 -1.30 -16.99 14.91
N TYR A 75 -0.06 -16.86 14.43
CA TYR A 75 0.18 -16.23 13.14
C TYR A 75 0.69 -17.19 12.09
N ARG A 76 1.39 -18.23 12.52
CA ARG A 76 2.00 -19.25 11.64
C ARG A 76 1.27 -19.73 10.37
N GLU A 77 -0.07 -19.79 10.40
CA GLU A 77 -0.85 -20.27 9.25
C GLU A 77 -1.37 -19.22 8.27
N ASN A 78 -1.56 -17.99 8.74
CA ASN A 78 -2.10 -16.95 7.87
C ASN A 78 -1.29 -15.67 7.81
N GLY A 79 -0.35 -15.53 8.72
CA GLY A 79 0.44 -14.32 8.71
C GLY A 79 -0.28 -13.31 9.57
N PHE A 80 -1.47 -13.68 10.03
CA PHE A 80 -2.26 -12.84 10.91
C PHE A 80 -2.91 -13.69 12.01
N ASN A 81 -3.16 -13.08 13.17
CA ASN A 81 -3.72 -13.76 14.34
C ASN A 81 -5.06 -14.49 14.15
N ILE A 82 -4.97 -15.78 13.83
CA ILE A 82 -6.15 -16.60 13.62
C ILE A 82 -6.91 -16.89 14.93
N TYR A 83 -6.19 -16.90 16.06
CA TYR A 83 -6.82 -17.12 17.37
C TYR A 83 -7.84 -16.03 17.60
N VAL A 84 -7.44 -14.78 17.41
CA VAL A 84 -8.36 -13.65 17.57
C VAL A 84 -9.55 -13.73 16.60
N SER A 85 -9.25 -13.96 15.32
CA SER A 85 -10.28 -14.08 14.30
C SER A 85 -11.35 -15.08 14.71
N ASP A 86 -10.92 -16.23 15.20
CA ASP A 86 -11.85 -17.27 15.64
C ASP A 86 -12.80 -16.79 16.74
N LYS A 87 -12.31 -15.89 17.60
CA LYS A 87 -13.12 -15.35 18.70
C LYS A 87 -14.01 -14.19 18.25
N ILE A 88 -13.91 -13.79 16.99
CA ILE A 88 -14.74 -12.71 16.47
C ILE A 88 -15.87 -13.25 15.59
N SER A 89 -17.05 -12.65 15.75
CA SER A 89 -18.22 -13.04 14.99
C SER A 89 -18.06 -13.01 13.48
N LEU A 90 -18.55 -14.04 12.82
CA LEU A 90 -18.47 -14.07 11.38
C LEU A 90 -19.37 -13.00 10.76
N ASN A 91 -20.26 -12.42 11.55
CA ASN A 91 -21.18 -11.37 11.09
C ASN A 91 -20.89 -10.07 11.86
N ARG A 92 -19.69 -9.90 12.41
CA ARG A 92 -19.43 -8.70 13.20
C ARG A 92 -19.80 -7.43 12.47
N SER A 93 -19.99 -6.35 13.23
CA SER A 93 -20.34 -5.03 12.69
C SER A 93 -19.13 -4.11 12.54
N LEU A 94 -19.18 -3.22 11.56
CA LEU A 94 -18.08 -2.31 11.31
C LEU A 94 -18.45 -0.85 11.46
N PRO A 95 -17.46 -0.02 11.82
CA PRO A 95 -17.77 1.41 11.99
C PRO A 95 -18.03 2.01 10.62
N ASP A 96 -18.92 2.99 10.56
CA ASP A 96 -19.20 3.62 9.27
C ASP A 96 -18.29 4.82 9.16
N ILE A 97 -17.03 4.60 8.82
CA ILE A 97 -16.10 5.69 8.68
C ILE A 97 -16.13 6.32 7.29
N ARG A 98 -17.29 6.34 6.65
CA ARG A 98 -17.35 6.96 5.34
C ARG A 98 -17.26 8.48 5.46
N HIS A 99 -17.69 9.18 4.42
CA HIS A 99 -17.68 10.63 4.47
C HIS A 99 -19.12 10.91 4.79
N PRO A 100 -19.38 12.00 5.51
CA PRO A 100 -20.74 12.36 5.90
C PRO A 100 -21.70 12.50 4.72
N ASN A 101 -21.14 12.73 3.53
CA ASN A 101 -21.95 12.90 2.33
C ASN A 101 -22.41 11.59 1.75
N CYS A 102 -21.58 10.57 1.93
CA CYS A 102 -21.86 9.25 1.38
C CYS A 102 -23.20 8.66 1.77
N ASN A 103 -23.62 8.93 3.00
CA ASN A 103 -24.87 8.39 3.46
C ASN A 103 -26.05 9.01 2.73
N SER A 104 -25.83 10.21 2.18
CA SER A 104 -26.87 10.95 1.49
C SER A 104 -26.90 10.78 -0.03
N LYS A 105 -25.98 9.99 -0.58
CA LYS A 105 -25.94 9.77 -2.01
C LYS A 105 -26.99 8.76 -2.43
N ARG A 106 -27.32 8.76 -3.71
CA ARG A 106 -28.28 7.81 -4.22
C ARG A 106 -27.75 7.35 -5.55
N TYR A 107 -28.13 6.16 -5.98
CA TYR A 107 -27.63 5.62 -7.23
C TYR A 107 -28.74 5.00 -8.08
N LEU A 108 -28.43 4.80 -9.36
CA LEU A 108 -29.35 4.22 -10.33
C LEU A 108 -30.17 3.07 -9.74
N GLU A 109 -31.50 3.18 -9.84
CA GLU A 109 -32.40 2.15 -9.32
C GLU A 109 -32.05 0.81 -9.97
N THR A 110 -31.73 0.85 -11.26
CA THR A 110 -31.37 -0.36 -11.99
C THR A 110 -29.86 -0.35 -12.28
N LEU A 111 -29.15 -1.39 -11.84
CA LEU A 111 -27.71 -1.47 -12.07
C LEU A 111 -27.33 -2.86 -12.58
N PRO A 112 -26.18 -2.97 -13.25
CA PRO A 112 -25.73 -4.26 -13.78
C PRO A 112 -25.29 -5.19 -12.65
N ASN A 113 -25.60 -6.47 -12.75
CA ASN A 113 -25.23 -7.43 -11.73
C ASN A 113 -23.75 -7.77 -11.77
N THR A 114 -23.19 -8.22 -10.65
CA THR A 114 -21.77 -8.56 -10.62
C THR A 114 -21.49 -9.97 -10.12
N SER A 115 -20.38 -10.52 -10.58
CA SER A 115 -19.94 -11.83 -10.16
C SER A 115 -18.78 -11.54 -9.24
N ILE A 116 -18.99 -11.65 -7.93
CA ILE A 116 -17.92 -11.38 -6.97
C ILE A 116 -16.97 -12.58 -6.94
N ILE A 117 -15.72 -12.38 -7.34
CA ILE A 117 -14.74 -13.46 -7.38
C ILE A 117 -13.68 -13.37 -6.31
N ILE A 118 -13.49 -14.47 -5.58
CA ILE A 118 -12.52 -14.53 -4.48
C ILE A 118 -11.49 -15.66 -4.55
N PRO A 119 -10.23 -15.33 -4.87
CA PRO A 119 -9.15 -16.33 -4.96
C PRO A 119 -8.54 -16.58 -3.58
N PHE A 120 -8.33 -17.84 -3.23
CA PHE A 120 -7.72 -18.13 -1.94
C PHE A 120 -6.77 -19.31 -1.99
N HIS A 121 -5.80 -19.30 -1.09
CA HIS A 121 -4.82 -20.36 -1.01
C HIS A 121 -4.51 -20.59 0.46
N ASN A 122 -5.00 -21.71 0.99
CA ASN A 122 -4.78 -22.06 2.39
C ASN A 122 -5.17 -20.92 3.30
N GLU A 123 -6.32 -20.32 3.02
CA GLU A 123 -6.77 -19.24 3.84
C GLU A 123 -7.44 -19.77 5.12
N GLY A 124 -7.39 -18.98 6.20
CA GLY A 124 -8.00 -19.42 7.45
C GLY A 124 -9.49 -19.56 7.39
N TRP A 125 -10.01 -20.59 8.04
CA TRP A 125 -11.45 -20.84 8.04
C TRP A 125 -12.33 -19.67 8.43
N SER A 126 -12.06 -19.08 9.60
CA SER A 126 -12.88 -17.98 10.06
C SER A 126 -12.65 -16.70 9.26
N SER A 127 -11.41 -16.43 8.86
CA SER A 127 -11.17 -15.21 8.09
C SER A 127 -11.90 -15.24 6.74
N LEU A 128 -11.91 -16.40 6.08
CA LEU A 128 -12.57 -16.58 4.79
C LEU A 128 -14.08 -16.56 4.92
N LEU A 129 -14.60 -17.24 5.93
CA LEU A 129 -16.04 -17.25 6.13
C LEU A 129 -16.49 -15.82 6.34
N ARG A 130 -15.78 -15.09 7.20
CA ARG A 130 -16.18 -13.71 7.46
C ARG A 130 -16.22 -12.90 6.16
N THR A 131 -15.26 -13.10 5.28
CA THR A 131 -15.30 -12.34 4.04
C THR A 131 -16.62 -12.60 3.33
N VAL A 132 -16.97 -13.86 3.14
CA VAL A 132 -18.21 -14.14 2.44
C VAL A 132 -19.42 -13.59 3.19
N HIS A 133 -19.57 -13.89 4.48
CA HIS A 133 -20.74 -13.35 5.18
C HIS A 133 -20.91 -11.85 4.89
N SER A 134 -19.82 -11.07 4.99
CA SER A 134 -19.90 -9.63 4.76
C SER A 134 -20.47 -9.31 3.39
N VAL A 135 -20.22 -10.19 2.42
CA VAL A 135 -20.75 -9.96 1.08
C VAL A 135 -22.23 -10.36 1.02
N LEU A 136 -22.57 -11.52 1.57
CA LEU A 136 -23.97 -11.94 1.55
C LEU A 136 -24.88 -11.04 2.37
N ASN A 137 -24.31 -10.37 3.37
CA ASN A 137 -25.12 -9.52 4.22
C ASN A 137 -25.10 -8.03 3.94
N ARG A 138 -24.01 -7.55 3.36
CA ARG A 138 -23.89 -6.13 3.08
C ARG A 138 -24.13 -5.80 1.62
N SER A 139 -24.43 -6.82 0.83
CA SER A 139 -24.69 -6.64 -0.59
C SER A 139 -26.13 -6.95 -0.99
N PRO A 140 -26.73 -6.08 -1.81
CA PRO A 140 -28.12 -6.32 -2.25
C PRO A 140 -28.12 -7.58 -3.11
N PRO A 141 -28.71 -8.68 -2.60
CA PRO A 141 -28.78 -9.97 -3.30
C PRO A 141 -29.04 -9.92 -4.80
N GLU A 142 -29.90 -9.00 -5.22
CA GLU A 142 -30.25 -8.85 -6.63
C GLU A 142 -29.07 -8.34 -7.47
N LEU A 143 -28.23 -7.50 -6.88
CA LEU A 143 -27.09 -6.98 -7.59
C LEU A 143 -25.95 -8.01 -7.58
N VAL A 144 -26.16 -9.14 -6.92
CA VAL A 144 -25.13 -10.17 -6.86
C VAL A 144 -25.50 -11.40 -7.67
N ALA A 145 -24.88 -11.54 -8.82
CA ALA A 145 -25.13 -12.67 -9.69
C ALA A 145 -24.65 -13.99 -9.06
N GLU A 146 -23.44 -13.96 -8.52
CA GLU A 146 -22.85 -15.14 -7.92
C GLU A 146 -21.57 -14.78 -7.17
N ILE A 147 -21.22 -15.60 -6.18
CA ILE A 147 -20.00 -15.45 -5.40
C ILE A 147 -19.17 -16.70 -5.65
N VAL A 148 -18.08 -16.54 -6.42
CA VAL A 148 -17.25 -17.68 -6.75
C VAL A 148 -15.96 -17.71 -5.97
N LEU A 149 -15.82 -18.70 -5.09
CA LEU A 149 -14.61 -18.84 -4.31
C LEU A 149 -13.72 -19.71 -5.19
N VAL A 150 -12.48 -19.30 -5.37
CA VAL A 150 -11.61 -20.06 -6.22
C VAL A 150 -10.43 -20.58 -5.40
N ASP A 151 -10.45 -21.89 -5.17
CA ASP A 151 -9.40 -22.58 -4.40
C ASP A 151 -8.16 -22.76 -5.29
N ASP A 152 -7.06 -22.11 -4.91
CA ASP A 152 -5.83 -22.27 -5.66
C ASP A 152 -5.02 -23.41 -5.07
N PHE A 153 -5.49 -24.63 -5.31
CA PHE A 153 -4.78 -25.82 -4.88
C PHE A 153 -4.43 -25.85 -3.40
N SER A 154 -5.37 -25.42 -2.57
CA SER A 154 -5.12 -25.41 -1.13
C SER A 154 -4.94 -26.82 -0.55
N ASP A 155 -4.04 -26.93 0.42
CA ASP A 155 -3.76 -28.22 1.04
C ASP A 155 -4.28 -28.31 2.47
N ARG A 156 -4.99 -27.28 2.93
CA ARG A 156 -5.54 -27.26 4.27
C ARG A 156 -6.86 -28.02 4.26
N GLU A 157 -6.99 -28.96 5.18
CA GLU A 157 -8.18 -29.79 5.30
C GLU A 157 -9.54 -29.07 5.41
N HIS A 158 -9.61 -28.03 6.23
CA HIS A 158 -10.87 -27.31 6.43
C HIS A 158 -11.41 -26.64 5.18
N LEU A 159 -10.57 -26.58 4.14
CA LEU A 159 -10.96 -25.93 2.90
C LEU A 159 -11.46 -26.97 1.89
N LYS A 160 -11.69 -28.19 2.37
CA LYS A 160 -12.14 -29.27 1.51
C LYS A 160 -13.60 -29.60 1.76
N LYS A 161 -13.88 -30.76 2.33
CA LYS A 161 -15.27 -31.13 2.59
C LYS A 161 -16.04 -30.08 3.43
N PRO A 162 -15.50 -29.69 4.60
CA PRO A 162 -16.22 -28.71 5.42
C PRO A 162 -16.64 -27.45 4.68
N LEU A 163 -15.72 -26.84 3.94
CA LEU A 163 -16.03 -25.63 3.18
C LEU A 163 -17.18 -25.91 2.23
N GLU A 164 -17.10 -27.04 1.55
CA GLU A 164 -18.13 -27.44 0.64
C GLU A 164 -19.49 -27.57 1.34
N ASP A 165 -19.52 -28.34 2.42
CA ASP A 165 -20.78 -28.50 3.13
C ASP A 165 -21.29 -27.17 3.64
N TYR A 166 -20.40 -26.32 4.13
CA TYR A 166 -20.83 -25.03 4.66
C TYR A 166 -21.37 -24.10 3.57
N MET A 167 -20.68 -24.01 2.45
CA MET A 167 -21.14 -23.13 1.40
C MET A 167 -22.39 -23.65 0.70
N ALA A 168 -22.61 -24.96 0.74
CA ALA A 168 -23.79 -25.54 0.10
C ALA A 168 -25.05 -24.92 0.69
N LEU A 169 -25.01 -24.57 1.96
CA LEU A 169 -26.16 -23.96 2.60
C LEU A 169 -26.39 -22.55 2.07
N PHE A 170 -25.47 -22.07 1.24
CA PHE A 170 -25.59 -20.74 0.66
C PHE A 170 -25.63 -20.86 -0.84
N PRO A 171 -26.85 -20.72 -1.39
CA PRO A 171 -27.21 -20.80 -2.81
C PRO A 171 -26.27 -20.02 -3.73
N SER A 172 -26.19 -18.71 -3.53
CA SER A 172 -25.35 -17.85 -4.36
C SER A 172 -23.85 -18.17 -4.32
N VAL A 173 -23.41 -18.89 -3.30
CA VAL A 173 -21.99 -19.22 -3.17
C VAL A 173 -21.63 -20.49 -3.92
N ARG A 174 -20.51 -20.42 -4.63
CA ARG A 174 -20.02 -21.53 -5.43
C ARG A 174 -18.51 -21.64 -5.34
N ILE A 175 -18.02 -22.88 -5.25
CA ILE A 175 -16.59 -23.12 -5.14
C ILE A 175 -16.05 -23.76 -6.42
N LEU A 176 -14.92 -23.25 -6.88
CA LEU A 176 -14.30 -23.74 -8.10
C LEU A 176 -12.82 -23.88 -7.83
N ARG A 177 -12.32 -25.11 -7.85
CA ARG A 177 -10.92 -25.37 -7.57
C ARG A 177 -10.07 -25.52 -8.82
N THR A 178 -8.77 -25.32 -8.66
CA THR A 178 -7.84 -25.46 -9.76
C THR A 178 -7.19 -26.84 -9.62
N LYS A 179 -6.54 -27.29 -10.70
CA LYS A 179 -5.87 -28.59 -10.71
C LYS A 179 -4.44 -28.57 -10.18
N LYS A 180 -3.84 -27.40 -10.15
CA LYS A 180 -2.50 -27.26 -9.63
C LYS A 180 -2.27 -25.82 -9.21
N ARG A 181 -1.22 -25.57 -8.44
CA ARG A 181 -0.92 -24.23 -7.98
C ARG A 181 -0.79 -23.29 -9.19
N GLU A 182 -1.72 -22.33 -9.30
CA GLU A 182 -1.70 -21.39 -10.40
C GLU A 182 -1.12 -20.06 -9.96
N GLY A 183 -1.53 -19.61 -8.76
CA GLY A 183 -1.08 -18.35 -8.22
C GLY A 183 -2.26 -17.42 -8.27
N LEU A 184 -2.14 -16.24 -7.67
CA LEU A 184 -3.28 -15.33 -7.62
C LEU A 184 -3.72 -14.80 -8.99
N ILE A 185 -2.78 -14.45 -9.86
CA ILE A 185 -3.17 -13.93 -11.15
C ILE A 185 -4.03 -14.93 -11.94
N ARG A 186 -3.46 -16.10 -12.21
CA ARG A 186 -4.17 -17.12 -12.97
C ARG A 186 -5.44 -17.56 -12.24
N THR A 187 -5.39 -17.61 -10.91
CA THR A 187 -6.58 -18.02 -10.17
C THR A 187 -7.70 -17.01 -10.42
N ARG A 188 -7.37 -15.73 -10.41
CA ARG A 188 -8.39 -14.72 -10.63
C ARG A 188 -8.89 -14.78 -12.05
N MET A 189 -8.06 -15.32 -12.94
CA MET A 189 -8.43 -15.46 -14.35
C MET A 189 -9.45 -16.57 -14.50
N LEU A 190 -9.20 -17.68 -13.80
CA LEU A 190 -10.11 -18.80 -13.86
C LEU A 190 -11.48 -18.30 -13.44
N GLY A 191 -11.53 -17.61 -12.30
CA GLY A 191 -12.80 -17.10 -11.84
C GLY A 191 -13.43 -16.19 -12.88
N ALA A 192 -12.65 -15.26 -13.41
CA ALA A 192 -13.17 -14.34 -14.40
C ALA A 192 -13.65 -15.04 -15.68
N SER A 193 -13.09 -16.21 -15.96
CA SER A 193 -13.46 -16.94 -17.17
C SER A 193 -14.75 -17.71 -17.04
N VAL A 194 -15.28 -17.76 -15.83
CA VAL A 194 -16.50 -18.49 -15.60
C VAL A 194 -17.65 -17.59 -15.18
N ALA A 195 -17.32 -16.37 -14.74
CA ALA A 195 -18.33 -15.40 -14.30
C ALA A 195 -19.38 -15.21 -15.37
N THR A 196 -20.59 -14.84 -14.94
CA THR A 196 -21.69 -14.63 -15.86
C THR A 196 -22.30 -13.26 -15.65
N GLY A 197 -21.92 -12.61 -14.56
CA GLY A 197 -22.45 -11.29 -14.27
C GLY A 197 -21.91 -10.21 -15.19
N ASP A 198 -22.62 -9.09 -15.25
CA ASP A 198 -22.25 -7.96 -16.10
C ASP A 198 -20.87 -7.35 -15.82
N VAL A 199 -20.53 -7.18 -14.54
CA VAL A 199 -19.20 -6.66 -14.17
C VAL A 199 -18.55 -7.69 -13.23
N ILE A 200 -17.23 -7.76 -13.24
CA ILE A 200 -16.54 -8.69 -12.35
C ILE A 200 -15.95 -7.93 -11.18
N THR A 201 -16.22 -8.40 -9.96
CA THR A 201 -15.67 -7.74 -8.79
C THR A 201 -14.68 -8.68 -8.15
N PHE A 202 -13.47 -8.20 -7.86
CA PHE A 202 -12.46 -9.04 -7.20
C PHE A 202 -12.27 -8.59 -5.76
N LEU A 203 -12.08 -9.54 -4.85
CA LEU A 203 -11.86 -9.27 -3.42
C LEU A 203 -10.86 -10.29 -2.91
N ASP A 204 -10.14 -9.98 -1.84
CA ASP A 204 -9.20 -10.96 -1.29
C ASP A 204 -9.99 -11.81 -0.34
N SER A 205 -9.44 -12.95 0.08
CA SER A 205 -10.19 -13.84 0.97
C SER A 205 -10.21 -13.46 2.44
N HIS A 206 -9.80 -12.24 2.74
CA HIS A 206 -9.77 -11.75 4.13
C HIS A 206 -10.12 -10.28 4.15
N CYS A 207 -11.34 -10.00 3.71
CA CYS A 207 -11.84 -8.64 3.64
C CYS A 207 -13.17 -8.59 4.36
N GLU A 208 -13.68 -7.38 4.54
CA GLU A 208 -14.97 -7.17 5.18
C GLU A 208 -15.54 -5.92 4.51
N ALA A 209 -16.53 -6.11 3.64
CA ALA A 209 -17.13 -4.99 2.93
C ALA A 209 -17.92 -4.19 3.93
N ASN A 210 -17.87 -2.86 3.83
CA ASN A 210 -18.57 -2.01 4.76
C ASN A 210 -19.98 -1.67 4.28
N VAL A 211 -20.71 -0.90 5.08
CA VAL A 211 -22.08 -0.54 4.73
C VAL A 211 -22.29 0.12 3.38
N ASN A 212 -23.10 -0.49 2.54
CA ASN A 212 -23.45 0.04 1.21
C ASN A 212 -22.22 0.34 0.35
N TRP A 213 -21.49 -0.70 -0.01
CA TRP A 213 -20.27 -0.56 -0.80
C TRP A 213 -20.40 -0.83 -2.30
N LEU A 214 -21.18 -1.86 -2.62
CA LEU A 214 -21.38 -2.34 -3.98
C LEU A 214 -22.07 -1.44 -5.00
N PRO A 215 -23.15 -0.75 -4.62
CA PRO A 215 -23.84 0.12 -5.58
C PRO A 215 -22.97 1.25 -6.12
N PRO A 216 -22.23 1.94 -5.25
CA PRO A 216 -21.39 3.03 -5.77
C PRO A 216 -20.29 2.58 -6.74
N LEU A 217 -19.99 1.29 -6.74
CA LEU A 217 -18.98 0.76 -7.63
C LEU A 217 -19.65 0.38 -8.94
N LEU A 218 -20.88 -0.11 -8.83
CA LEU A 218 -21.65 -0.54 -10.00
C LEU A 218 -22.20 0.66 -10.76
N ASP A 219 -22.74 1.63 -10.03
CA ASP A 219 -23.28 2.83 -10.66
C ASP A 219 -22.23 3.45 -11.59
N ARG A 220 -21.08 3.81 -11.01
CA ARG A 220 -20.01 4.41 -11.76
C ARG A 220 -19.69 3.67 -13.06
N ILE A 221 -19.72 2.33 -13.02
CA ILE A 221 -19.43 1.54 -14.23
C ILE A 221 -20.61 1.59 -15.22
N ALA A 222 -21.81 1.80 -14.71
CA ALA A 222 -23.00 1.88 -15.55
C ALA A 222 -22.91 3.14 -16.40
N ARG A 223 -22.29 4.17 -15.83
CA ARG A 223 -22.10 5.44 -16.51
C ARG A 223 -20.93 5.37 -17.51
N ASN A 224 -19.83 4.73 -17.12
CA ASN A 224 -18.66 4.60 -17.99
C ASN A 224 -18.18 3.15 -18.01
N ARG A 225 -18.61 2.43 -19.04
CA ARG A 225 -18.26 1.04 -19.18
C ARG A 225 -16.76 0.73 -19.15
N LYS A 226 -15.92 1.67 -19.58
CA LYS A 226 -14.49 1.39 -19.58
C LYS A 226 -13.74 1.89 -18.34
N THR A 227 -14.46 2.19 -17.27
CA THR A 227 -13.83 2.66 -16.03
C THR A 227 -13.67 1.55 -15.01
N ILE A 228 -12.43 1.29 -14.58
CA ILE A 228 -12.22 0.33 -13.53
C ILE A 228 -12.41 1.09 -12.20
N VAL A 229 -13.14 0.53 -11.25
CA VAL A 229 -13.34 1.21 -9.96
C VAL A 229 -12.76 0.46 -8.77
N CYS A 230 -12.15 1.20 -7.85
CA CYS A 230 -11.56 0.60 -6.66
C CYS A 230 -12.13 1.24 -5.39
N PRO A 231 -12.56 0.41 -4.45
CA PRO A 231 -13.10 1.01 -3.23
C PRO A 231 -11.93 1.46 -2.33
N MET A 232 -12.25 2.21 -1.28
CA MET A 232 -11.26 2.65 -0.31
C MET A 232 -10.88 1.37 0.42
N ILE A 233 -9.59 1.04 0.51
CA ILE A 233 -9.23 -0.18 1.21
C ILE A 233 -8.80 0.11 2.65
N ASP A 234 -9.65 -0.29 3.59
CA ASP A 234 -9.39 -0.07 5.01
C ASP A 234 -8.59 -1.21 5.61
N VAL A 235 -7.98 -0.94 6.75
CA VAL A 235 -7.18 -1.95 7.40
C VAL A 235 -7.95 -2.76 8.45
N ILE A 236 -7.49 -3.99 8.64
CA ILE A 236 -8.02 -4.87 9.66
C ILE A 236 -6.71 -5.32 10.28
N ASP A 237 -6.45 -4.87 11.51
CA ASP A 237 -5.21 -5.16 12.20
C ASP A 237 -4.90 -6.63 12.31
N HIS A 238 -3.75 -7.04 11.82
CA HIS A 238 -3.35 -8.44 11.85
C HIS A 238 -3.16 -8.97 13.26
N ASP A 239 -3.53 -8.17 14.25
CA ASP A 239 -3.39 -8.55 15.65
C ASP A 239 -4.68 -8.47 16.45
N ASP A 240 -5.19 -7.26 16.68
CA ASP A 240 -6.42 -7.12 17.46
C ASP A 240 -7.66 -6.95 16.57
N PHE A 241 -7.43 -6.96 15.25
CA PHE A 241 -8.50 -6.87 14.25
C PHE A 241 -9.36 -5.60 14.27
N ARG A 242 -8.82 -4.50 14.79
CA ARG A 242 -9.59 -3.27 14.80
C ARG A 242 -9.70 -2.85 13.35
N TYR A 243 -10.78 -2.18 13.02
CA TYR A 243 -11.01 -1.73 11.67
C TYR A 243 -10.74 -0.25 11.63
N GLU A 244 -9.95 0.17 10.66
CA GLU A 244 -9.62 1.58 10.53
C GLU A 244 -8.98 1.91 9.21
N THR A 245 -9.21 3.14 8.79
CA THR A 245 -8.69 3.66 7.54
C THR A 245 -7.17 3.69 7.51
N GLN A 246 -6.58 3.56 6.33
CA GLN A 246 -5.13 3.60 6.25
C GLN A 246 -4.73 5.06 6.44
N ALA A 247 -3.46 5.26 6.77
CA ALA A 247 -2.90 6.58 6.98
C ALA A 247 -3.20 7.54 5.80
N GLY A 248 -3.64 8.74 6.12
CA GLY A 248 -3.92 9.71 5.10
C GLY A 248 -5.15 9.44 4.29
N ASP A 249 -5.84 8.36 4.61
CA ASP A 249 -7.07 7.95 3.93
C ASP A 249 -7.03 8.07 2.39
N ALA A 250 -8.06 8.68 1.82
CA ALA A 250 -8.14 8.82 0.37
C ALA A 250 -6.86 9.40 -0.16
N MET A 251 -6.15 8.63 -0.96
CA MET A 251 -4.91 9.06 -1.57
C MET A 251 -4.82 8.49 -2.96
N ARG A 252 -3.78 8.86 -3.70
CA ARG A 252 -3.57 8.34 -5.05
C ARG A 252 -2.52 7.25 -5.06
N GLY A 253 -2.76 6.21 -5.85
CA GLY A 253 -1.79 5.12 -5.94
C GLY A 253 -0.66 5.48 -6.87
N ALA A 254 0.52 4.92 -6.60
CA ALA A 254 1.71 5.18 -7.40
C ALA A 254 2.80 4.20 -6.99
N PHE A 255 4.04 4.52 -7.30
CA PHE A 255 5.12 3.59 -6.94
C PHE A 255 6.50 4.24 -6.99
N ASP A 256 7.50 3.55 -6.43
CA ASP A 256 8.87 4.04 -6.48
C ASP A 256 9.50 3.31 -7.64
N TRP A 257 10.74 3.60 -7.98
CA TRP A 257 11.29 2.95 -9.13
C TRP A 257 11.76 1.53 -8.99
N GLU A 258 11.54 0.95 -7.81
CA GLU A 258 11.87 -0.46 -7.58
C GLU A 258 10.56 -1.22 -7.67
N MET A 259 9.52 -0.51 -8.09
CA MET A 259 8.18 -1.04 -8.27
C MET A 259 7.42 -1.45 -7.02
N TYR A 260 7.67 -0.78 -5.91
CA TYR A 260 6.94 -1.07 -4.68
C TYR A 260 5.76 -0.15 -4.73
N TYR A 261 4.56 -0.69 -4.52
CA TYR A 261 3.38 0.15 -4.59
C TYR A 261 3.41 1.24 -3.53
N LYS A 262 3.04 2.45 -3.94
CA LYS A 262 3.04 3.59 -3.02
C LYS A 262 1.77 4.41 -3.07
N ARG A 263 1.54 5.19 -2.02
CA ARG A 263 0.35 6.05 -1.95
C ARG A 263 0.82 7.48 -1.71
N ILE A 264 0.28 8.41 -2.49
CA ILE A 264 0.66 9.81 -2.37
C ILE A 264 -0.57 10.67 -2.34
N PRO A 265 -0.47 11.84 -1.70
CA PRO A 265 -1.55 12.81 -1.54
C PRO A 265 -2.12 13.32 -2.84
N ILE A 266 -3.42 13.54 -2.86
CA ILE A 266 -4.07 14.07 -4.04
C ILE A 266 -3.66 15.54 -4.18
N PRO A 267 -2.91 15.89 -5.26
CA PRO A 267 -2.49 17.29 -5.45
C PRO A 267 -3.72 18.18 -5.34
N PRO A 268 -3.55 19.36 -4.77
CA PRO A 268 -4.67 20.29 -4.62
C PRO A 268 -5.44 20.56 -5.92
N GLU A 269 -4.70 20.70 -7.02
CA GLU A 269 -5.33 21.00 -8.31
C GLU A 269 -6.22 19.87 -8.81
N LEU A 270 -6.05 18.68 -8.25
CA LEU A 270 -6.86 17.55 -8.68
C LEU A 270 -7.99 17.26 -7.70
N GLN A 271 -7.89 17.80 -6.49
CA GLN A 271 -8.88 17.61 -5.43
C GLN A 271 -10.30 18.01 -5.80
N LYS A 272 -11.23 17.05 -5.69
CA LYS A 272 -12.64 17.28 -6.01
C LYS A 272 -13.42 18.12 -5.01
N ALA A 273 -14.30 18.97 -5.57
CA ALA A 273 -15.20 19.86 -4.82
C ALA A 273 -15.81 19.12 -3.64
N ASP A 274 -16.57 18.07 -3.95
CA ASP A 274 -17.18 17.23 -2.93
C ASP A 274 -16.19 16.11 -2.68
N PRO A 275 -15.51 16.13 -1.53
CA PRO A 275 -14.53 15.10 -1.17
C PRO A 275 -15.02 13.65 -1.10
N SER A 276 -16.30 13.42 -1.41
CA SER A 276 -16.89 12.08 -1.37
C SER A 276 -17.15 11.57 -2.79
N ASP A 277 -16.65 12.31 -3.76
CA ASP A 277 -16.87 11.93 -5.15
C ASP A 277 -15.68 11.22 -5.73
N PRO A 278 -15.93 10.31 -6.68
CA PRO A 278 -14.94 9.51 -7.39
C PRO A 278 -13.76 10.38 -7.82
N PHE A 279 -12.55 9.82 -7.74
CA PHE A 279 -11.39 10.58 -8.12
C PHE A 279 -10.36 9.67 -8.79
N GLU A 280 -9.83 10.13 -9.92
CA GLU A 280 -8.86 9.36 -10.69
C GLU A 280 -7.63 8.94 -9.90
N SER A 281 -7.15 7.73 -10.19
CA SER A 281 -5.97 7.16 -9.56
C SER A 281 -5.11 6.49 -10.61
N PRO A 282 -3.80 6.74 -10.56
CA PRO A 282 -2.81 6.18 -11.49
C PRO A 282 -2.69 4.66 -11.41
N VAL A 283 -2.45 4.17 -10.20
CA VAL A 283 -2.28 2.75 -9.96
C VAL A 283 -3.24 2.24 -8.89
N MET A 284 -3.81 1.05 -9.10
CA MET A 284 -4.70 0.49 -8.11
C MET A 284 -3.87 -0.34 -7.14
N ALA A 285 -4.46 -0.64 -5.99
CA ALA A 285 -3.81 -1.43 -4.95
C ALA A 285 -3.61 -2.88 -5.40
N GLY A 286 -4.64 -3.49 -5.98
CA GLY A 286 -4.48 -4.85 -6.44
C GLY A 286 -5.61 -5.87 -6.38
N GLY A 287 -6.17 -6.08 -5.20
CA GLY A 287 -7.22 -7.09 -5.08
C GLY A 287 -8.65 -6.61 -4.92
N LEU A 288 -8.84 -5.35 -4.61
CA LEU A 288 -10.18 -4.84 -4.44
C LEU A 288 -10.51 -3.91 -5.60
N PHE A 289 -11.30 -4.39 -6.55
CA PHE A 289 -11.72 -3.57 -7.67
C PHE A 289 -12.74 -4.26 -8.54
N ALA A 290 -13.56 -3.48 -9.21
CA ALA A 290 -14.60 -4.00 -10.08
C ALA A 290 -14.33 -3.54 -11.51
N VAL A 291 -14.89 -4.24 -12.47
CA VAL A 291 -14.67 -3.88 -13.86
C VAL A 291 -15.65 -4.65 -14.73
N ASP A 292 -16.12 -4.00 -15.79
CA ASP A 292 -17.06 -4.61 -16.70
C ASP A 292 -16.44 -5.89 -17.28
N ARG A 293 -17.21 -6.97 -17.31
CA ARG A 293 -16.68 -8.25 -17.79
C ARG A 293 -16.13 -8.19 -19.21
N LYS A 294 -16.88 -7.58 -20.13
CA LYS A 294 -16.40 -7.47 -21.51
C LYS A 294 -15.12 -6.64 -21.55
N TRP A 295 -15.21 -5.42 -21.04
CA TRP A 295 -14.06 -4.53 -21.03
C TRP A 295 -12.85 -5.24 -20.44
N PHE A 296 -13.06 -6.08 -19.46
CA PHE A 296 -11.94 -6.79 -18.84
C PHE A 296 -11.24 -7.67 -19.84
N TRP A 297 -11.97 -8.61 -20.43
CA TRP A 297 -11.38 -9.50 -21.41
C TRP A 297 -10.92 -8.74 -22.66
N GLU A 298 -11.64 -7.69 -23.03
CA GLU A 298 -11.21 -6.91 -24.18
C GLU A 298 -9.76 -6.49 -23.97
N LEU A 299 -9.36 -6.34 -22.72
CA LEU A 299 -7.98 -5.92 -22.44
C LEU A 299 -7.06 -7.12 -22.33
N GLY A 300 -7.65 -8.33 -22.32
CA GLY A 300 -6.87 -9.55 -22.25
C GLY A 300 -6.66 -10.03 -20.82
N GLY A 301 -7.40 -9.42 -19.89
CA GLY A 301 -7.27 -9.78 -18.49
C GLY A 301 -5.83 -9.58 -18.08
N TYR A 302 -5.29 -10.55 -17.33
CA TYR A 302 -3.92 -10.45 -16.87
C TYR A 302 -2.96 -11.27 -17.73
N ASP A 303 -1.67 -10.90 -17.67
CA ASP A 303 -0.60 -11.60 -18.36
C ASP A 303 -0.53 -12.98 -17.72
N PRO A 304 -1.03 -14.01 -18.41
CA PRO A 304 -1.01 -15.36 -17.84
C PRO A 304 0.38 -15.80 -17.44
N GLY A 305 1.39 -15.06 -17.89
CA GLY A 305 2.76 -15.39 -17.56
C GLY A 305 3.21 -14.93 -16.19
N LEU A 306 2.39 -14.13 -15.52
CA LEU A 306 2.72 -13.64 -14.18
C LEU A 306 2.55 -14.81 -13.23
N GLU A 307 3.47 -14.94 -12.28
CA GLU A 307 3.46 -16.06 -11.35
C GLU A 307 2.53 -16.13 -10.16
N ILE A 308 3.11 -16.24 -8.97
CA ILE A 308 2.29 -16.37 -7.76
C ILE A 308 1.74 -15.09 -7.16
N TRP A 309 2.55 -14.05 -7.14
CA TRP A 309 2.15 -12.79 -6.53
C TRP A 309 2.85 -11.60 -7.20
N GLY A 310 2.27 -10.41 -7.06
CA GLY A 310 2.85 -9.20 -7.61
C GLY A 310 2.92 -8.99 -9.12
N GLY A 311 2.64 -7.76 -9.54
CA GLY A 311 2.71 -7.42 -10.94
C GLY A 311 1.42 -7.13 -11.66
N GLU A 312 0.41 -7.96 -11.46
CA GLU A 312 -0.85 -7.73 -12.14
C GLU A 312 -1.51 -6.38 -11.86
N GLN A 313 -1.14 -5.72 -10.77
CA GLN A 313 -1.78 -4.45 -10.46
C GLN A 313 -1.22 -3.36 -11.37
N TYR A 314 0.04 -3.46 -11.74
CA TYR A 314 0.61 -2.46 -12.63
C TYR A 314 0.18 -2.70 -14.08
N GLU A 315 0.24 -3.94 -14.51
CA GLU A 315 -0.16 -4.24 -15.88
C GLU A 315 -1.60 -3.82 -16.13
N ILE A 316 -2.51 -4.22 -15.24
CA ILE A 316 -3.88 -3.84 -15.45
C ILE A 316 -4.03 -2.33 -15.39
N SER A 317 -3.30 -1.69 -14.47
CA SER A 317 -3.39 -0.25 -14.31
C SER A 317 -2.95 0.51 -15.55
N PHE A 318 -1.79 0.16 -16.10
CA PHE A 318 -1.33 0.85 -17.28
C PHE A 318 -2.25 0.58 -18.47
N LYS A 319 -2.83 -0.63 -18.52
CA LYS A 319 -3.73 -0.99 -19.62
C LYS A 319 -4.97 -0.11 -19.69
N VAL A 320 -5.70 0.03 -18.58
CA VAL A 320 -6.91 0.84 -18.59
C VAL A 320 -6.65 2.24 -19.09
N TRP A 321 -5.61 2.84 -18.56
CA TRP A 321 -5.29 4.17 -18.94
C TRP A 321 -4.78 4.27 -20.37
N MET A 322 -3.63 3.65 -20.64
CA MET A 322 -3.03 3.68 -21.96
C MET A 322 -3.93 3.16 -23.09
N CYS A 323 -4.96 2.38 -22.76
CA CYS A 323 -5.81 1.85 -23.81
C CYS A 323 -7.25 2.33 -23.80
N GLY A 324 -7.48 3.55 -23.34
CA GLY A 324 -8.82 4.09 -23.39
C GLY A 324 -9.74 4.07 -22.19
N GLY A 325 -9.41 3.28 -21.19
CA GLY A 325 -10.25 3.23 -20.02
C GLY A 325 -9.83 4.26 -18.98
N ARG A 326 -10.31 4.07 -17.76
CA ARG A 326 -9.98 4.96 -16.64
C ARG A 326 -10.04 4.19 -15.33
N MET A 327 -9.32 4.69 -14.35
CA MET A 327 -9.23 4.07 -13.05
C MET A 327 -9.69 5.06 -11.98
N GLU A 328 -10.67 4.68 -11.17
CA GLU A 328 -11.17 5.58 -10.12
C GLU A 328 -11.39 4.95 -8.72
N ASP A 329 -11.15 5.76 -7.68
CA ASP A 329 -11.38 5.34 -6.31
C ASP A 329 -12.72 5.91 -5.86
N ILE A 330 -13.57 5.06 -5.30
CA ILE A 330 -14.87 5.50 -4.86
C ILE A 330 -14.86 5.65 -3.37
N PRO A 331 -14.72 6.89 -2.90
CA PRO A 331 -14.68 7.20 -1.48
C PRO A 331 -15.92 6.69 -0.73
N CYS A 332 -17.05 6.61 -1.42
CA CYS A 332 -18.26 6.14 -0.79
C CYS A 332 -18.33 4.63 -0.67
N SER A 333 -17.28 3.96 -1.14
CA SER A 333 -17.25 2.50 -1.09
C SER A 333 -16.02 2.05 -0.29
N ARG A 334 -16.24 1.40 0.86
CA ARG A 334 -15.12 0.95 1.68
C ARG A 334 -15.14 -0.53 2.02
N VAL A 335 -13.97 -1.17 1.93
CA VAL A 335 -13.83 -2.58 2.24
C VAL A 335 -12.59 -2.77 3.12
N GLY A 336 -12.75 -3.58 4.16
CA GLY A 336 -11.65 -3.83 5.07
C GLY A 336 -10.82 -4.94 4.49
N HIS A 337 -9.52 -4.93 4.77
CA HIS A 337 -8.59 -5.94 4.28
C HIS A 337 -7.54 -6.17 5.33
N ILE A 338 -7.15 -7.42 5.52
CA ILE A 338 -6.15 -7.77 6.52
C ILE A 338 -4.80 -7.84 5.89
N TYR A 339 -3.96 -6.84 6.14
CA TYR A 339 -2.60 -6.85 5.61
C TYR A 339 -1.74 -7.78 6.49
N ARG A 340 -1.18 -8.83 5.89
CA ARG A 340 -0.37 -9.79 6.63
C ARG A 340 0.85 -9.20 7.30
N LYS A 341 1.26 -9.82 8.40
CA LYS A 341 2.46 -9.41 9.10
C LYS A 341 3.61 -10.07 8.30
N TYR A 342 3.32 -11.24 7.72
CA TYR A 342 4.27 -11.94 6.86
C TYR A 342 3.55 -12.92 5.96
N VAL A 343 4.22 -13.46 4.94
CA VAL A 343 3.52 -14.38 4.07
C VAL A 343 3.76 -15.82 4.51
N PRO A 344 2.68 -16.55 4.80
CA PRO A 344 2.73 -17.94 5.25
C PRO A 344 2.88 -18.96 4.14
N TYR A 345 2.05 -18.89 3.10
CA TYR A 345 2.16 -19.87 2.04
C TYR A 345 3.54 -19.93 1.41
N LYS A 346 3.84 -21.09 0.84
CA LYS A 346 5.13 -21.28 0.21
C LYS A 346 4.97 -20.97 -1.26
N VAL A 347 6.09 -20.61 -1.87
CA VAL A 347 6.12 -20.29 -3.28
C VAL A 347 7.01 -21.29 -3.99
N PRO A 348 6.55 -21.79 -5.14
CA PRO A 348 7.30 -22.76 -5.94
C PRO A 348 8.74 -22.32 -6.18
N ALA A 349 9.62 -23.29 -6.36
CA ALA A 349 11.02 -22.98 -6.62
C ALA A 349 11.09 -22.52 -8.07
N GLY A 350 11.92 -21.52 -8.32
CA GLY A 350 12.04 -21.02 -9.69
C GLY A 350 11.07 -19.91 -9.99
N VAL A 351 10.67 -19.18 -8.95
CA VAL A 351 9.76 -18.07 -9.12
C VAL A 351 10.36 -16.85 -8.49
N SER A 352 10.20 -15.71 -9.16
CA SER A 352 10.73 -14.45 -8.67
C SER A 352 9.83 -13.28 -9.01
N LEU A 353 9.63 -12.39 -8.05
CA LEU A 353 8.81 -11.22 -8.27
C LEU A 353 9.43 -10.44 -9.42
N ALA A 354 10.74 -10.56 -9.56
CA ALA A 354 11.48 -9.88 -10.60
C ALA A 354 11.00 -10.25 -12.01
N ARG A 355 10.90 -11.54 -12.30
CA ARG A 355 10.47 -11.97 -13.62
C ARG A 355 9.10 -11.39 -13.96
N ASN A 356 8.25 -11.24 -12.96
CA ASN A 356 6.92 -10.69 -13.20
C ASN A 356 7.05 -9.24 -13.61
N LEU A 357 7.67 -8.45 -12.75
CA LEU A 357 7.87 -7.03 -13.01
C LEU A 357 8.51 -6.81 -14.38
N LYS A 358 9.61 -7.50 -14.62
CA LYS A 358 10.31 -7.39 -15.90
C LYS A 358 9.34 -7.60 -17.06
N ARG A 359 8.47 -8.60 -16.96
CA ARG A 359 7.50 -8.87 -18.02
C ARG A 359 6.61 -7.68 -18.27
N VAL A 360 6.17 -7.04 -17.19
CA VAL A 360 5.31 -5.86 -17.28
C VAL A 360 6.11 -4.69 -17.81
N ALA A 361 7.32 -4.53 -17.30
CA ALA A 361 8.22 -3.45 -17.70
C ALA A 361 8.48 -3.43 -19.21
N GLU A 362 8.74 -4.59 -19.80
CA GLU A 362 9.01 -4.68 -21.23
C GLU A 362 7.81 -4.33 -22.10
N VAL A 363 6.66 -4.90 -21.77
CA VAL A 363 5.47 -4.65 -22.56
C VAL A 363 4.78 -3.29 -22.43
N TRP A 364 4.92 -2.59 -21.31
CA TRP A 364 4.19 -1.34 -21.19
C TRP A 364 4.95 -0.10 -20.83
N MET A 365 6.03 -0.27 -20.10
CA MET A 365 6.81 0.87 -19.64
C MET A 365 7.81 1.56 -20.59
N ASP A 366 8.02 0.99 -21.77
CA ASP A 366 8.93 1.56 -22.75
C ASP A 366 10.28 1.98 -22.19
N GLU A 367 10.62 3.23 -22.44
CA GLU A 367 11.87 3.81 -22.00
C GLU A 367 12.04 3.93 -20.50
N TYR A 368 10.92 3.96 -19.76
CA TYR A 368 11.02 4.11 -18.31
C TYR A 368 11.47 2.84 -17.62
N ALA A 369 11.42 1.73 -18.32
CA ALA A 369 11.86 0.47 -17.72
C ALA A 369 13.35 0.61 -17.33
N GLU A 370 14.11 1.33 -18.15
CA GLU A 370 15.52 1.53 -17.89
C GLU A 370 15.75 2.15 -16.51
N TYR A 371 14.74 2.83 -15.99
CA TYR A 371 14.84 3.45 -14.68
C TYR A 371 14.71 2.41 -13.57
N ILE A 372 14.19 1.25 -13.93
CA ILE A 372 14.04 0.17 -12.97
C ILE A 372 15.36 -0.58 -12.91
N TYR A 373 15.98 -0.75 -14.06
CA TYR A 373 17.24 -1.47 -14.12
C TYR A 373 18.37 -0.73 -13.42
N GLN A 374 18.38 0.59 -13.53
CA GLN A 374 19.44 1.36 -12.89
C GLN A 374 19.52 1.17 -11.38
N ARG A 375 18.41 0.72 -10.78
CA ARG A 375 18.35 0.48 -9.34
C ARG A 375 18.54 -1.00 -9.03
N ARG A 376 18.17 -1.84 -10.00
CA ARG A 376 18.30 -3.28 -9.87
C ARG A 376 18.82 -3.85 -11.20
N PRO A 377 20.15 -3.77 -11.42
CA PRO A 377 20.86 -4.23 -12.61
C PRO A 377 20.54 -5.66 -13.05
N GLU A 378 20.38 -6.55 -12.08
CA GLU A 378 20.10 -7.95 -12.40
C GLU A 378 18.88 -8.10 -13.31
N TYR A 379 18.05 -7.06 -13.39
CA TYR A 379 16.87 -7.11 -14.23
C TYR A 379 17.22 -6.97 -15.71
N ARG A 380 18.52 -6.88 -16.01
CA ARG A 380 18.97 -6.75 -17.39
C ARG A 380 19.07 -8.12 -18.05
N HIS A 381 20.01 -8.94 -17.57
CA HIS A 381 20.21 -10.28 -18.11
C HIS A 381 19.33 -11.26 -17.35
N LEU A 382 18.04 -10.94 -17.26
CA LEU A 382 17.07 -11.77 -16.57
C LEU A 382 15.95 -12.13 -17.54
N SER A 383 16.00 -13.37 -18.05
CA SER A 383 14.99 -13.82 -19.01
C SER A 383 13.57 -13.61 -18.51
N ALA A 384 12.85 -12.73 -19.19
CA ALA A 384 11.46 -12.42 -18.84
C ALA A 384 10.50 -13.33 -19.60
N GLY A 385 10.94 -14.55 -19.87
CA GLY A 385 10.10 -15.47 -20.60
C GLY A 385 9.68 -14.90 -21.95
N ASP A 386 8.68 -15.54 -22.57
CA ASP A 386 8.19 -15.09 -23.86
C ASP A 386 7.08 -14.06 -23.69
N VAL A 387 7.43 -12.81 -23.95
CA VAL A 387 6.47 -11.71 -23.84
C VAL A 387 5.99 -11.27 -25.20
N ALA A 388 6.19 -12.11 -26.20
CA ALA A 388 5.79 -11.78 -27.55
C ALA A 388 4.27 -11.65 -27.68
N VAL A 389 3.54 -12.61 -27.14
CA VAL A 389 2.08 -12.61 -27.22
C VAL A 389 1.46 -11.35 -26.63
N GLN A 390 1.96 -10.94 -25.47
CA GLN A 390 1.45 -9.76 -24.79
C GLN A 390 1.73 -8.49 -25.59
N LYS A 391 2.96 -8.35 -26.05
CA LYS A 391 3.34 -7.19 -26.84
C LYS A 391 2.38 -7.02 -28.01
N LYS A 392 1.92 -8.15 -28.55
CA LYS A 392 0.98 -8.15 -29.67
C LYS A 392 -0.40 -7.64 -29.23
N LEU A 393 -0.74 -7.87 -27.98
CA LEU A 393 -2.02 -7.41 -27.44
C LEU A 393 -1.98 -5.91 -27.28
N ARG A 394 -0.79 -5.38 -26.95
CA ARG A 394 -0.63 -3.94 -26.74
C ARG A 394 -0.81 -3.13 -28.00
N SER A 395 -0.44 -3.72 -29.14
CA SER A 395 -0.56 -3.03 -30.42
C SER A 395 -1.98 -3.15 -30.92
N SER A 396 -2.55 -4.34 -30.80
CA SER A 396 -3.90 -4.56 -31.25
C SER A 396 -4.91 -3.69 -30.50
N LEU A 397 -4.44 -3.01 -29.47
CA LEU A 397 -5.33 -2.15 -28.71
C LEU A 397 -5.14 -0.67 -29.00
N ASN A 398 -4.07 -0.31 -29.71
CA ASN A 398 -3.82 1.09 -30.03
C ASN A 398 -3.78 1.89 -28.74
N CYS A 399 -2.79 1.63 -27.91
CA CYS A 399 -2.68 2.31 -26.63
C CYS A 399 -1.66 3.40 -26.80
N LYS A 400 -1.66 4.36 -25.89
CA LYS A 400 -0.71 5.46 -25.93
C LYS A 400 0.64 4.96 -25.44
N SER A 401 1.62 5.85 -25.39
CA SER A 401 2.95 5.48 -24.95
C SER A 401 2.97 5.54 -23.45
N PHE A 402 4.03 5.00 -22.84
CA PHE A 402 4.09 5.05 -21.40
C PHE A 402 4.40 6.50 -21.00
N LYS A 403 5.07 7.22 -21.89
CA LYS A 403 5.42 8.63 -21.67
C LYS A 403 4.12 9.38 -21.36
N TRP A 404 3.11 9.13 -22.17
CA TRP A 404 1.82 9.76 -21.98
C TRP A 404 1.29 9.52 -20.56
N PHE A 405 1.35 8.27 -20.11
CA PHE A 405 0.89 7.89 -18.78
C PHE A 405 1.56 8.72 -17.70
N MET A 406 2.89 8.69 -17.70
CA MET A 406 3.67 9.42 -16.72
C MET A 406 3.41 10.91 -16.75
N THR A 407 3.21 11.45 -17.95
CA THR A 407 2.99 12.86 -18.15
C THR A 407 1.60 13.39 -17.91
N LYS A 408 0.58 12.60 -18.21
CA LYS A 408 -0.78 13.08 -18.04
C LYS A 408 -1.52 12.45 -16.88
N ILE A 409 -1.22 11.19 -16.60
CA ILE A 409 -1.92 10.49 -15.55
C ILE A 409 -1.17 10.39 -14.23
N ALA A 410 0.12 10.10 -14.29
CA ALA A 410 0.97 9.97 -13.11
C ALA A 410 1.94 11.13 -12.89
N TRP A 411 1.64 12.29 -13.47
CA TRP A 411 2.56 13.43 -13.37
C TRP A 411 3.05 13.83 -11.99
N ASP A 412 2.42 13.32 -10.93
CA ASP A 412 2.86 13.69 -9.58
C ASP A 412 3.82 12.69 -8.94
N LEU A 413 3.82 11.46 -9.46
CA LEU A 413 4.69 10.42 -8.94
C LEU A 413 6.18 10.83 -8.92
N PRO A 414 6.70 11.37 -10.04
CA PRO A 414 8.12 11.75 -10.03
C PRO A 414 8.51 12.78 -8.97
N LYS A 415 7.50 13.40 -8.37
CA LYS A 415 7.70 14.40 -7.32
C LYS A 415 8.30 13.77 -6.06
N PHE A 416 7.79 12.59 -5.69
CA PHE A 416 8.29 11.88 -4.51
C PHE A 416 9.27 10.77 -4.90
N TYR A 417 9.12 10.29 -6.14
CA TYR A 417 9.97 9.22 -6.66
C TYR A 417 10.52 9.58 -8.04
N PRO A 418 11.43 10.55 -8.09
CA PRO A 418 11.99 10.92 -9.39
C PRO A 418 12.79 9.83 -10.07
N PRO A 419 12.54 9.61 -11.37
CA PRO A 419 13.25 8.58 -12.13
C PRO A 419 14.76 8.73 -11.94
N VAL A 420 15.19 9.95 -11.66
CA VAL A 420 16.60 10.25 -11.40
C VAL A 420 16.54 11.20 -10.21
N GLU A 421 17.21 10.82 -9.13
CA GLU A 421 17.19 11.64 -7.93
C GLU A 421 18.23 12.75 -7.93
N PRO A 422 17.85 13.95 -7.48
CA PRO A 422 18.75 15.10 -7.43
C PRO A 422 19.92 14.78 -6.50
N PRO A 423 21.09 15.37 -6.76
CA PRO A 423 22.24 15.10 -5.90
C PRO A 423 21.94 15.44 -4.44
N ALA A 424 22.81 15.04 -3.54
CA ALA A 424 22.62 15.31 -2.11
C ALA A 424 23.22 16.64 -1.69
N ALA A 425 22.81 17.12 -0.53
CA ALA A 425 23.29 18.38 0.00
C ALA A 425 24.58 18.20 0.80
N ALA A 426 24.59 17.18 1.65
CA ALA A 426 25.75 16.88 2.49
C ALA A 426 25.74 15.41 2.89
N TRP A 427 26.90 14.77 2.88
CA TRP A 427 26.99 13.37 3.25
C TRP A 427 28.35 13.04 3.85
N GLY A 428 28.35 12.04 4.71
CA GLY A 428 29.58 11.62 5.36
C GLY A 428 29.38 11.49 6.85
N GLU A 429 30.35 11.94 7.63
CA GLU A 429 30.23 11.86 9.06
C GLU A 429 29.85 13.24 9.60
N ILE A 430 28.92 13.26 10.54
CA ILE A 430 28.47 14.49 11.16
C ILE A 430 29.25 14.64 12.45
N ARG A 431 30.20 15.56 12.44
CA ARG A 431 31.04 15.80 13.60
C ARG A 431 30.59 17.03 14.36
N ASN A 432 30.36 16.86 15.66
CA ASN A 432 29.92 17.95 16.52
C ASN A 432 31.14 18.77 16.95
N VAL A 433 31.15 20.05 16.61
CA VAL A 433 32.29 20.90 16.96
C VAL A 433 32.51 20.99 18.46
N GLY A 434 31.43 20.99 19.22
CA GLY A 434 31.53 21.09 20.67
C GLY A 434 32.35 19.99 21.32
N THR A 435 31.79 18.79 21.39
CA THR A 435 32.48 17.66 21.99
C THR A 435 33.57 17.10 21.07
N GLY A 436 33.46 17.41 19.78
CA GLY A 436 34.45 16.91 18.83
C GLY A 436 34.10 15.51 18.36
N LEU A 437 33.20 14.86 19.09
CA LEU A 437 32.75 13.51 18.77
C LEU A 437 31.97 13.48 17.46
N CYS A 438 31.69 12.28 16.96
CA CYS A 438 30.94 12.09 15.72
C CYS A 438 29.58 11.47 16.01
N ALA A 439 28.59 11.75 15.18
CA ALA A 439 27.26 11.18 15.38
C ALA A 439 27.37 9.70 15.02
N ASP A 440 26.75 8.85 15.81
CA ASP A 440 26.80 7.40 15.57
C ASP A 440 25.44 6.77 15.84
N THR A 441 25.30 5.50 15.52
CA THR A 441 24.06 4.75 15.72
C THR A 441 24.36 3.28 15.86
N LYS A 442 23.97 2.67 16.97
CA LYS A 442 24.20 1.24 17.18
C LYS A 442 23.34 0.41 16.23
N HIS A 443 23.15 0.90 15.01
CA HIS A 443 22.33 0.20 14.02
C HIS A 443 20.96 -0.21 14.60
N GLY A 444 20.32 0.72 15.30
CA GLY A 444 19.01 0.45 15.88
C GLY A 444 17.97 1.13 15.00
N ALA A 445 17.60 0.44 13.92
CA ALA A 445 16.63 0.95 12.95
C ALA A 445 15.18 0.94 13.40
N LEU A 446 14.91 0.24 14.50
CA LEU A 446 13.55 0.15 15.03
C LEU A 446 13.15 1.48 15.67
N GLY A 447 14.14 2.24 16.11
CA GLY A 447 13.84 3.53 16.74
C GLY A 447 14.85 3.96 17.79
N SER A 448 16.02 3.33 17.79
CA SER A 448 17.07 3.66 18.75
C SER A 448 17.48 5.13 18.65
N PRO A 449 17.86 5.76 19.78
CA PRO A 449 18.26 7.16 19.77
C PRO A 449 19.52 7.39 18.93
N LEU A 450 19.83 8.65 18.70
CA LEU A 450 21.01 9.02 17.92
C LEU A 450 22.12 9.36 18.91
N ARG A 451 22.92 8.36 19.26
CA ARG A 451 24.01 8.54 20.22
C ARG A 451 25.15 9.42 19.70
N LEU A 452 26.30 9.33 20.36
CA LEU A 452 27.47 10.12 19.98
C LEU A 452 28.72 9.35 20.42
N GLU A 453 29.55 8.93 19.46
CA GLU A 453 30.75 8.18 19.79
C GLU A 453 31.98 8.80 19.15
N GLY A 454 33.14 8.21 19.41
CA GLY A 454 34.38 8.74 18.87
C GLY A 454 34.45 8.44 17.40
N CYS A 455 34.87 9.42 16.61
CA CYS A 455 34.97 9.28 15.17
C CYS A 455 35.80 8.08 14.72
N VAL A 456 35.22 7.29 13.82
CA VAL A 456 35.86 6.10 13.27
C VAL A 456 36.56 6.40 11.95
N ARG A 457 35.88 7.12 11.05
CA ARG A 457 36.46 7.47 9.75
C ARG A 457 36.79 6.25 8.88
N GLY A 458 36.22 5.09 9.21
CA GLY A 458 36.50 3.90 8.43
C GLY A 458 37.83 3.23 8.81
N ARG A 459 38.49 3.82 9.81
CA ARG A 459 39.76 3.28 10.28
C ARG A 459 39.53 2.46 11.55
N GLY A 460 38.35 2.62 12.14
CA GLY A 460 38.02 1.92 13.36
C GLY A 460 37.64 0.47 13.16
N GLU A 461 37.89 -0.33 14.19
CA GLU A 461 37.58 -1.76 14.17
C GLU A 461 36.10 -1.98 13.85
N ALA A 462 35.84 -2.74 12.80
CA ALA A 462 34.47 -3.02 12.38
C ALA A 462 33.84 -4.09 13.27
N ALA A 463 33.89 -3.87 14.57
CA ALA A 463 33.34 -4.81 15.54
C ALA A 463 32.54 -4.08 16.62
N TRP A 464 32.67 -2.76 16.67
CA TRP A 464 31.97 -1.97 17.67
C TRP A 464 30.66 -1.42 17.15
N ASN A 465 30.16 -2.03 16.08
CA ASN A 465 28.90 -1.62 15.46
C ASN A 465 28.80 -0.09 15.42
N ASN A 466 29.61 0.52 14.53
CA ASN A 466 29.64 1.97 14.36
C ASN A 466 29.06 2.38 13.01
N MET A 467 28.06 3.24 13.03
CA MET A 467 27.44 3.74 11.81
C MET A 467 27.53 5.26 11.86
N GLN A 468 28.63 5.79 11.32
CA GLN A 468 28.86 7.23 11.32
C GLN A 468 28.82 7.82 9.93
N VAL A 469 27.98 7.25 9.09
CA VAL A 469 27.85 7.74 7.73
C VAL A 469 26.42 8.18 7.52
N PHE A 470 26.24 9.35 6.92
CA PHE A 470 24.89 9.85 6.70
C PHE A 470 24.76 10.61 5.41
N THR A 471 23.52 10.94 5.09
CA THR A 471 23.24 11.68 3.89
C THR A 471 22.03 12.58 4.06
N PHE A 472 22.20 13.83 3.62
CA PHE A 472 21.16 14.84 3.66
C PHE A 472 20.54 14.79 2.26
N THR A 473 19.72 13.78 2.00
CA THR A 473 19.08 13.60 0.70
C THR A 473 18.34 14.82 0.16
N TRP A 474 18.19 14.85 -1.16
CA TRP A 474 17.48 15.93 -1.85
C TRP A 474 16.12 16.20 -1.22
N ARG A 475 15.59 15.22 -0.51
CA ARG A 475 14.27 15.37 0.12
C ARG A 475 14.29 16.22 1.37
N GLU A 476 15.44 16.79 1.69
CA GLU A 476 15.55 17.63 2.87
C GLU A 476 15.49 16.81 4.18
N ASP A 477 15.86 15.53 4.10
CA ASP A 477 15.88 14.70 5.31
C ASP A 477 17.27 14.08 5.47
N ILE A 478 17.52 13.55 6.65
CA ILE A 478 18.82 12.96 6.96
C ILE A 478 18.68 11.47 7.23
N ARG A 479 19.28 10.65 6.38
CA ARG A 479 19.24 9.21 6.56
C ARG A 479 20.65 8.60 6.55
N PRO A 480 20.83 7.50 7.28
CA PRO A 480 22.12 6.82 7.36
C PRO A 480 22.58 6.16 6.08
N GLY A 481 23.90 6.07 5.92
CA GLY A 481 24.47 5.44 4.75
C GLY A 481 24.93 6.37 3.64
N ASP A 482 25.75 5.82 2.75
CA ASP A 482 26.28 6.56 1.61
C ASP A 482 25.11 7.09 0.78
N PRO A 483 25.31 8.23 0.13
CA PRO A 483 24.24 8.82 -0.69
C PRO A 483 23.75 7.88 -1.78
N GLN A 484 24.54 6.86 -2.07
CA GLN A 484 24.17 5.90 -3.10
C GLN A 484 23.39 4.72 -2.50
N HIS A 485 23.67 4.41 -1.23
CA HIS A 485 23.01 3.29 -0.56
C HIS A 485 22.35 3.68 0.77
N THR A 486 21.46 4.67 0.72
CA THR A 486 20.79 5.11 1.94
C THR A 486 19.72 4.14 2.41
N LYS A 487 19.31 4.31 3.65
CA LYS A 487 18.30 3.46 4.25
C LYS A 487 17.01 4.22 4.46
N LYS A 488 15.89 3.51 4.44
CA LYS A 488 14.57 4.12 4.60
C LYS A 488 14.28 4.58 6.03
N PHE A 489 15.29 5.12 6.70
CA PHE A 489 15.11 5.61 8.07
C PHE A 489 15.57 7.05 8.07
N CYS A 490 14.79 7.92 8.70
CA CYS A 490 15.10 9.35 8.72
C CYS A 490 15.26 9.89 10.14
N PHE A 491 15.84 11.09 10.25
CA PHE A 491 16.02 11.71 11.56
C PHE A 491 14.68 12.25 12.07
N ASP A 492 14.01 11.47 12.92
CA ASP A 492 12.70 11.82 13.46
C ASP A 492 12.78 12.45 14.86
N ALA A 493 12.31 13.69 14.98
CA ALA A 493 12.34 14.41 16.26
C ALA A 493 11.02 15.11 16.54
N ILE A 494 10.39 14.75 17.66
CA ILE A 494 9.11 15.34 18.03
C ILE A 494 9.30 16.65 18.78
N SER A 495 9.21 16.58 20.11
CA SER A 495 9.36 17.74 20.97
C SER A 495 10.66 18.50 20.72
N HIS A 496 10.64 19.81 20.97
CA HIS A 496 11.81 20.66 20.80
C HIS A 496 12.74 20.48 22.00
N THR A 497 12.73 19.27 22.55
CA THR A 497 13.56 18.91 23.68
C THR A 497 13.87 17.42 23.65
N SER A 498 13.01 16.64 23.00
CA SER A 498 13.19 15.20 22.89
C SER A 498 14.44 14.85 22.08
N PRO A 499 14.90 13.58 22.18
CA PRO A 499 16.08 13.15 21.45
C PRO A 499 15.80 13.08 19.95
N VAL A 500 16.59 12.30 19.22
CA VAL A 500 16.38 12.13 17.78
C VAL A 500 16.43 10.65 17.49
N THR A 501 15.41 10.14 16.82
CA THR A 501 15.38 8.72 16.47
C THR A 501 15.34 8.49 14.98
N LEU A 502 15.34 7.22 14.61
CA LEU A 502 15.30 6.81 13.22
C LEU A 502 13.96 6.13 12.96
N TYR A 503 13.00 6.93 12.51
CA TYR A 503 11.67 6.41 12.20
C TYR A 503 11.55 6.28 10.68
N ASP A 504 10.66 5.42 10.21
CA ASP A 504 10.48 5.25 8.78
C ASP A 504 10.31 6.63 8.13
N CYS A 505 10.95 6.81 6.99
CA CYS A 505 10.85 8.08 6.28
C CYS A 505 9.49 8.24 5.63
N HIS A 506 9.37 9.27 4.82
CA HIS A 506 8.15 9.59 4.09
C HIS A 506 8.37 10.99 3.58
N SER A 507 8.16 11.18 2.28
CA SER A 507 8.36 12.48 1.67
C SER A 507 7.32 13.50 2.10
N MET A 508 7.24 13.71 3.42
CA MET A 508 6.30 14.66 4.01
C MET A 508 7.07 15.48 5.05
N LYS A 509 7.69 16.56 4.58
CA LYS A 509 8.48 17.45 5.43
C LYS A 509 7.82 17.85 6.75
N GLY A 510 7.97 16.98 7.75
CA GLY A 510 7.39 17.26 9.05
C GLY A 510 8.40 17.07 10.16
N ASN A 511 8.34 15.91 10.81
CA ASN A 511 9.25 15.59 11.89
C ASN A 511 10.58 15.13 11.29
N GLN A 512 10.64 15.04 9.96
CA GLN A 512 11.85 14.60 9.26
C GLN A 512 12.36 15.70 8.34
N LEU A 513 11.97 16.94 8.65
CA LEU A 513 12.38 18.09 7.88
C LEU A 513 13.55 18.79 8.58
N TRP A 514 14.70 18.85 7.92
CA TRP A 514 15.86 19.51 8.52
C TRP A 514 16.44 20.57 7.61
N LYS A 515 17.30 21.40 8.17
CA LYS A 515 17.95 22.47 7.44
C LYS A 515 19.36 22.66 7.98
N TYR A 516 20.34 22.72 7.07
CA TYR A 516 21.73 22.92 7.45
C TYR A 516 22.08 24.36 7.07
N ARG A 517 22.26 25.21 8.09
CA ARG A 517 22.56 26.63 7.85
C ARG A 517 24.04 27.00 7.99
N LYS A 518 24.39 28.16 7.44
CA LYS A 518 25.75 28.69 7.47
C LYS A 518 26.34 28.61 8.88
N ASP A 519 25.47 28.72 9.88
CA ASP A 519 25.91 28.66 11.27
C ASP A 519 26.18 27.22 11.71
N LYS A 520 26.27 26.31 10.75
CA LYS A 520 26.54 24.91 11.05
C LYS A 520 25.58 24.30 12.08
N THR A 521 24.28 24.38 11.80
CA THR A 521 23.29 23.83 12.71
C THR A 521 22.28 23.02 11.91
N LEU A 522 21.50 22.22 12.62
CA LEU A 522 20.48 21.39 11.98
C LEU A 522 19.11 21.83 12.50
N TYR A 523 18.71 23.02 12.09
CA TYR A 523 17.44 23.61 12.48
C TYR A 523 16.24 22.74 12.11
N HIS A 524 15.38 22.50 13.10
CA HIS A 524 14.18 21.72 12.90
C HIS A 524 12.99 22.67 13.02
N PRO A 525 12.52 23.21 11.89
CA PRO A 525 11.38 24.15 11.85
C PRO A 525 10.08 23.66 12.48
N VAL A 526 9.78 22.37 12.32
CA VAL A 526 8.55 21.81 12.86
C VAL A 526 8.59 21.71 14.39
N SER A 527 9.75 21.96 14.96
CA SER A 527 9.93 21.90 16.41
C SER A 527 10.45 23.25 16.91
N GLY A 528 10.76 24.15 15.98
CA GLY A 528 11.25 25.45 16.34
C GLY A 528 12.58 25.44 17.07
N SER A 529 13.10 24.25 17.34
CA SER A 529 14.37 24.14 18.05
C SER A 529 15.49 23.64 17.12
N CYS A 530 16.67 23.43 17.69
CA CYS A 530 17.82 22.96 16.94
C CYS A 530 18.35 21.66 17.53
N MET A 531 19.38 21.09 16.91
CA MET A 531 19.95 19.85 17.42
C MET A 531 21.09 20.19 18.38
N ASP A 532 21.04 19.59 19.57
CA ASP A 532 22.05 19.83 20.59
C ASP A 532 22.47 18.48 21.20
N CYS A 533 23.73 18.38 21.62
CA CYS A 533 24.24 17.16 22.23
C CYS A 533 24.49 17.41 23.71
N SER A 534 25.05 16.41 24.39
CA SER A 534 25.34 16.49 25.83
C SER A 534 26.84 16.35 26.05
N GLU A 535 27.44 17.30 26.78
CA GLU A 535 28.88 17.24 27.06
C GLU A 535 29.18 16.20 28.14
N SER A 536 28.13 15.52 28.60
CA SER A 536 28.27 14.50 29.62
C SER A 536 28.20 13.11 29.01
N ASP A 537 28.70 13.00 27.77
CA ASP A 537 28.72 11.74 27.01
C ASP A 537 27.41 10.93 27.03
N HIS A 538 26.35 11.53 26.47
CA HIS A 538 25.05 10.87 26.39
C HIS A 538 24.55 10.97 24.96
N ARG A 539 23.23 10.84 24.80
CA ARG A 539 22.64 10.93 23.46
C ARG A 539 22.54 12.38 22.99
N ILE A 540 21.75 12.60 21.95
CA ILE A 540 21.58 13.92 21.40
C ILE A 540 20.12 14.32 21.67
N PHE A 541 19.91 15.59 21.99
CA PHE A 541 18.56 16.06 22.26
C PHE A 541 18.30 17.48 21.72
N MET A 542 17.03 17.81 21.54
CA MET A 542 16.63 19.13 21.04
C MET A 542 16.65 20.15 22.18
N ASN A 543 16.85 21.42 21.82
CA ASN A 543 16.90 22.49 22.79
C ASN A 543 16.76 23.82 22.06
N THR A 544 16.83 24.92 22.80
CA THR A 544 16.70 26.24 22.20
C THR A 544 17.87 26.53 21.24
N CYS A 545 17.56 26.97 20.03
CA CYS A 545 18.60 27.26 19.06
C CYS A 545 19.55 28.28 19.63
N ASN A 546 20.84 28.10 19.35
CA ASN A 546 21.88 29.00 19.82
C ASN A 546 23.08 29.04 18.84
N PRO A 547 22.98 29.90 17.81
CA PRO A 547 24.02 30.08 16.77
C PRO A 547 25.45 30.11 17.31
N SER A 548 25.71 30.99 18.28
CA SER A 548 27.04 31.10 18.87
C SER A 548 27.23 30.09 20.03
N SER A 549 27.34 28.82 19.66
CA SER A 549 27.52 27.73 20.61
C SER A 549 28.49 26.69 19.99
N LEU A 550 28.38 25.43 20.42
CA LEU A 550 29.24 24.38 19.89
C LEU A 550 28.56 23.03 19.95
N THR A 551 27.81 22.80 21.02
CA THR A 551 27.10 21.54 21.22
C THR A 551 25.93 21.43 20.25
N GLN A 552 25.77 22.46 19.42
CA GLN A 552 24.69 22.50 18.45
C GLN A 552 25.25 22.80 17.07
N GLN A 553 26.57 22.88 16.99
CA GLN A 553 27.27 23.17 15.74
C GLN A 553 27.82 21.86 15.15
N TRP A 554 27.34 21.49 13.97
CA TRP A 554 27.80 20.26 13.34
C TRP A 554 28.45 20.50 11.99
N LEU A 555 29.29 19.57 11.56
CA LEU A 555 29.98 19.72 10.29
C LEU A 555 30.11 18.41 9.52
N PHE A 556 29.50 18.38 8.34
CA PHE A 556 29.52 17.21 7.46
C PHE A 556 30.87 17.09 6.78
N GLU A 557 31.11 15.95 6.15
CA GLU A 557 32.37 15.73 5.48
C GLU A 557 32.40 16.30 4.06
N HIS A 558 31.30 16.16 3.33
CA HIS A 558 31.22 16.66 1.97
C HIS A 558 29.91 17.43 1.80
N THR A 559 29.88 18.40 0.89
CA THR A 559 28.66 19.18 0.65
C THR A 559 28.53 19.73 -0.78
N ASN A 560 27.38 20.34 -1.04
CA ASN A 560 27.09 20.98 -2.32
C ASN A 560 26.25 22.22 -2.04
N SER A 561 26.95 23.30 -1.68
CA SER A 561 26.33 24.57 -1.36
C SER A 561 25.18 24.93 -2.29
N THR A 562 25.29 24.52 -3.56
CA THR A 562 24.26 24.81 -4.54
C THR A 562 22.91 24.25 -4.09
N VAL A 563 22.96 23.17 -3.32
CA VAL A 563 21.75 22.53 -2.81
C VAL A 563 21.34 23.13 -1.48
N LEU A 564 22.33 23.48 -0.67
CA LEU A 564 22.09 24.07 0.63
C LEU A 564 21.47 25.46 0.44
N GLU A 565 21.92 26.17 -0.58
CA GLU A 565 21.44 27.50 -0.89
C GLU A 565 20.00 27.47 -1.40
N LYS A 566 19.48 26.26 -1.64
CA LYS A 566 18.11 26.12 -2.14
C LYS A 566 17.09 26.28 -1.00
N PHE A 567 16.60 25.17 -0.46
CA PHE A 567 15.60 25.24 0.60
C PHE A 567 16.15 25.74 1.94
N ASN A 568 16.59 26.99 1.92
CA ASN A 568 17.13 27.63 3.12
C ASN A 568 16.33 28.92 3.29
N ARG A 569 15.72 29.37 2.19
CA ARG A 569 14.91 30.60 2.19
C ARG A 569 13.40 30.33 2.31
N ASN A 570 12.68 31.31 2.86
CA ASN A 570 11.23 31.21 3.06
C ASN A 570 10.39 31.52 1.81
#